data_5NL9
#
_entry.id   5NL9
#
_cell.length_a   48.683
_cell.length_b   56.100
_cell.length_c   68.794
_cell.angle_alpha   90.00
_cell.angle_beta   105.82
_cell.angle_gamma   90.00
#
_symmetry.space_group_name_H-M   'P 1 21 1'
#
loop_
_entity.id
_entity.type
_entity.pdbx_description
1 polymer 'Transcriptional regulator (FUR family)'
2 non-polymer 'ZINC ION'
3 non-polymer 'POTASSIUM ION'
4 non-polymer 'UNKNOWN ATOM OR ION'
5 water water
#
_entity_poly.entity_id   1
_entity_poly.type   'polypeptide(L)'
_entity_poly.pdbx_seq_one_letter_code
;GSHMASMKDSYERSKKILEDAGINVTVQRLQMANLLLSKPQHLTADQVFQLINEHMPNASRATIFNNLKLFAEKGIVNLL
ELKSGITLYDSNVIHHHHAIDEKTGEIYDISLDSKLQEKVLSELKQDFKLKTGSSLENCNLSITLKGKKNP
;
_entity_poly.pdbx_strand_id   A,B
#
# COMPACT_ATOMS: atom_id res chain seq x y z
N SER A 6 11.06 33.12 9.28
CA SER A 6 10.51 34.40 9.76
C SER A 6 8.99 34.35 9.78
N MET A 7 8.37 35.05 10.74
CA MET A 7 6.92 35.12 10.88
C MET A 7 6.29 35.91 9.73
N LYS A 8 7.03 36.87 9.17
CA LYS A 8 6.56 37.63 8.02
C LYS A 8 6.54 36.72 6.78
N ASP A 9 7.58 35.87 6.64
CA ASP A 9 7.74 34.94 5.53
C ASP A 9 6.68 33.86 5.50
N SER A 10 6.43 33.19 6.65
CA SER A 10 5.43 32.14 6.79
C SER A 10 4.05 32.69 6.47
N TYR A 11 3.75 33.95 6.86
CA TYR A 11 2.47 34.58 6.53
C TYR A 11 2.37 34.77 5.02
N GLU A 12 3.44 35.29 4.38
CA GLU A 12 3.47 35.52 2.94
C GLU A 12 3.35 34.21 2.13
N ARG A 13 4.03 33.14 2.60
CA ARG A 13 4.03 31.80 2.02
CA ARG A 13 4.02 31.79 2.04
C ARG A 13 2.62 31.16 2.12
N SER A 14 1.95 31.25 3.29
CA SER A 14 0.60 30.69 3.44
C SER A 14 -0.43 31.53 2.67
N LYS A 15 -0.19 32.85 2.53
CA LYS A 15 -1.12 33.74 1.83
C LYS A 15 -1.14 33.38 0.34
N LYS A 16 0.04 33.12 -0.24
CA LYS A 16 0.18 32.73 -1.65
C LYS A 16 -0.43 31.35 -1.92
N ILE A 17 -0.20 30.35 -1.02
CA ILE A 17 -0.78 29.02 -1.16
C ILE A 17 -2.31 29.10 -1.24
N LEU A 18 -2.95 29.84 -0.30
CA LEU A 18 -4.42 29.99 -0.29
C LEU A 18 -4.93 30.76 -1.52
N GLU A 19 -4.22 31.86 -1.91
CA GLU A 19 -4.61 32.70 -3.05
C GLU A 19 -4.47 31.97 -4.39
N ASP A 20 -3.38 31.21 -4.58
CA ASP A 20 -3.14 30.40 -5.77
C ASP A 20 -4.25 29.37 -5.95
N ALA A 21 -4.76 28.82 -4.82
CA ALA A 21 -5.83 27.86 -4.81
C ALA A 21 -7.22 28.52 -4.83
N GLY A 22 -7.27 29.85 -4.81
CA GLY A 22 -8.52 30.60 -4.83
C GLY A 22 -9.35 30.50 -3.56
N ILE A 23 -8.68 30.30 -2.41
CA ILE A 23 -9.32 30.22 -1.11
C ILE A 23 -9.25 31.62 -0.47
N ASN A 24 -10.39 32.11 0.08
CA ASN A 24 -10.46 33.39 0.77
C ASN A 24 -9.63 33.33 2.04
N VAL A 25 -8.76 34.29 2.23
CA VAL A 25 -7.85 34.31 3.36
C VAL A 25 -8.56 34.65 4.69
N THR A 26 -8.29 33.86 5.73
CA THR A 26 -8.74 34.09 7.11
C THR A 26 -7.54 33.72 7.98
N VAL A 27 -7.52 34.20 9.24
CA VAL A 27 -6.41 33.89 10.14
C VAL A 27 -6.35 32.37 10.37
N GLN A 28 -7.51 31.75 10.59
CA GLN A 28 -7.55 30.31 10.82
C GLN A 28 -6.99 29.56 9.62
N ARG A 29 -7.34 29.98 8.40
CA ARG A 29 -6.82 29.30 7.22
C ARG A 29 -5.33 29.49 7.07
N LEU A 30 -4.80 30.66 7.45
CA LEU A 30 -3.35 30.89 7.35
C LEU A 30 -2.61 30.01 8.32
N GLN A 31 -3.16 29.86 9.53
CA GLN A 31 -2.53 29.06 10.56
C GLN A 31 -2.56 27.57 10.18
N MET A 32 -3.70 27.12 9.61
CA MET A 32 -3.86 25.73 9.18
C MET A 32 -2.96 25.38 8.03
N ALA A 33 -2.81 26.30 7.04
CA ALA A 33 -1.90 26.07 5.94
C ALA A 33 -0.48 25.91 6.46
N ASN A 34 -0.09 26.79 7.40
CA ASN A 34 1.24 26.70 7.97
C ASN A 34 1.45 25.41 8.76
N LEU A 35 0.52 25.05 9.65
CA LEU A 35 0.65 23.86 10.49
C LEU A 35 0.61 22.55 9.72
N LEU A 36 -0.25 22.46 8.70
CA LEU A 36 -0.37 21.25 7.88
C LEU A 36 0.70 21.10 6.86
N LEU A 37 1.08 22.20 6.18
CA LEU A 37 2.01 22.12 5.06
C LEU A 37 3.47 22.36 5.42
N SER A 38 3.79 22.47 6.74
CA SER A 38 5.16 22.73 7.24
C SER A 38 6.08 21.55 7.05
N LYS A 39 5.50 20.37 7.15
CA LYS A 39 6.25 19.13 7.01
C LYS A 39 5.40 18.05 6.30
N PRO A 40 6.06 17.05 5.65
CA PRO A 40 5.28 15.96 5.03
C PRO A 40 4.68 15.09 6.13
N GLN A 41 3.36 14.96 6.11
CA GLN A 41 2.64 14.17 7.11
C GLN A 41 1.34 13.66 6.51
N HIS A 42 0.73 12.66 7.14
CA HIS A 42 -0.51 11.98 6.72
C HIS A 42 -1.38 11.88 7.97
N LEU A 43 -2.43 12.69 8.07
CA LEU A 43 -3.20 12.73 9.32
C LEU A 43 -4.65 12.45 9.11
N THR A 44 -5.29 11.83 10.09
CA THR A 44 -6.74 11.62 10.03
C THR A 44 -7.35 12.98 10.40
N ALA A 45 -8.67 13.13 10.20
CA ALA A 45 -9.41 14.33 10.57
C ALA A 45 -9.23 14.65 12.05
N ASP A 46 -9.29 13.63 12.94
CA ASP A 46 -9.09 13.86 14.37
C ASP A 46 -7.66 14.31 14.70
N GLN A 47 -6.64 13.79 14.00
CA GLN A 47 -5.25 14.23 14.21
C GLN A 47 -5.05 15.67 13.71
N VAL A 48 -5.80 16.08 12.66
CA VAL A 48 -5.71 17.46 12.17
C VAL A 48 -6.30 18.37 13.26
N PHE A 49 -7.47 18.00 13.81
CA PHE A 49 -8.09 18.74 14.89
C PHE A 49 -7.15 18.84 16.09
N GLN A 50 -6.51 17.73 16.49
CA GLN A 50 -5.59 17.72 17.62
C GLN A 50 -4.44 18.73 17.39
N LEU A 51 -3.86 18.72 16.18
CA LEU A 51 -2.76 19.62 15.81
C LEU A 51 -3.18 21.10 15.84
N ILE A 52 -4.31 21.42 15.16
CA ILE A 52 -4.82 22.78 15.08
C ILE A 52 -5.27 23.26 16.46
N ASN A 53 -6.00 22.42 17.22
CA ASN A 53 -6.47 22.73 18.58
C ASN A 53 -5.34 23.07 19.56
N GLU A 54 -4.18 22.41 19.43
CA GLU A 54 -3.02 22.67 20.26
C GLU A 54 -2.50 24.10 20.10
N HIS A 55 -2.56 24.66 18.85
CA HIS A 55 -2.11 26.01 18.54
C HIS A 55 -3.22 27.06 18.57
N MET A 56 -4.46 26.65 18.27
CA MET A 56 -5.61 27.55 18.25
C MET A 56 -6.75 26.94 19.07
N PRO A 57 -6.65 26.95 20.42
CA PRO A 57 -7.70 26.30 21.21
C PRO A 57 -9.11 26.89 21.12
N ASN A 58 -9.26 28.11 20.60
CA ASN A 58 -10.60 28.69 20.46
C ASN A 58 -11.24 28.42 19.10
N ALA A 59 -10.53 27.77 18.15
CA ALA A 59 -11.11 27.45 16.86
C ALA A 59 -12.07 26.23 17.05
N SER A 60 -13.31 26.28 16.50
CA SER A 60 -14.27 25.19 16.66
C SER A 60 -13.91 24.00 15.80
N ARG A 61 -14.31 22.80 16.24
CA ARG A 61 -14.09 21.53 15.56
C ARG A 61 -14.70 21.63 14.17
N ALA A 62 -15.90 22.20 14.09
CA ALA A 62 -16.62 22.35 12.84
C ALA A 62 -15.89 23.22 11.84
N THR A 63 -15.33 24.37 12.30
CA THR A 63 -14.63 25.29 11.42
C THR A 63 -13.35 24.66 10.90
N ILE A 64 -12.62 23.92 11.76
CA ILE A 64 -11.39 23.23 11.41
C ILE A 64 -11.72 22.15 10.35
N PHE A 65 -12.75 21.33 10.62
CA PHE A 65 -13.20 20.31 9.67
C PHE A 65 -13.59 20.89 8.30
N ASN A 66 -14.37 22.00 8.26
CA ASN A 66 -14.77 22.67 7.02
C ASN A 66 -13.59 23.22 6.24
N ASN A 67 -12.58 23.78 6.94
CA ASN A 67 -11.36 24.25 6.26
C ASN A 67 -10.58 23.08 5.71
N LEU A 68 -10.46 21.99 6.48
CA LEU A 68 -9.76 20.79 6.02
C LEU A 68 -10.44 20.24 4.74
N LYS A 69 -11.78 20.16 4.71
CA LYS A 69 -12.51 19.70 3.52
C LYS A 69 -12.27 20.64 2.34
N LEU A 70 -12.24 21.97 2.59
CA LEU A 70 -11.97 22.95 1.55
C LEU A 70 -10.57 22.78 1.00
N PHE A 71 -9.59 22.56 1.88
CA PHE A 71 -8.19 22.39 1.48
C PHE A 71 -8.04 21.16 0.57
N ALA A 72 -8.75 20.07 0.90
CA ALA A 72 -8.73 18.84 0.09
C ALA A 72 -9.40 19.10 -1.27
N GLU A 73 -10.58 19.78 -1.28
CA GLU A 73 -11.28 20.12 -2.54
C GLU A 73 -10.41 20.95 -3.47
N LYS A 74 -9.61 21.88 -2.91
CA LYS A 74 -8.77 22.77 -3.71
C LYS A 74 -7.38 22.24 -3.96
N GLY A 75 -7.13 21.01 -3.56
CA GLY A 75 -5.85 20.37 -3.83
C GLY A 75 -4.63 20.89 -3.07
N ILE A 76 -4.81 21.58 -1.95
CA ILE A 76 -3.60 22.04 -1.24
C ILE A 76 -3.12 20.93 -0.27
N VAL A 77 -4.00 19.97 0.08
CA VAL A 77 -3.66 18.73 0.77
C VAL A 77 -4.24 17.59 -0.15
N ASN A 78 -3.77 16.34 -0.09
CA ASN A 78 -4.42 15.31 -0.91
C ASN A 78 -5.03 14.20 -0.05
N LEU A 79 -6.20 13.68 -0.47
CA LEU A 79 -6.88 12.60 0.23
C LEU A 79 -6.16 11.30 -0.06
N LEU A 80 -5.86 10.53 1.00
CA LEU A 80 -5.19 9.22 0.91
C LEU A 80 -6.00 8.21 1.73
N GLU A 81 -6.63 7.22 1.07
CA GLU A 81 -7.41 6.20 1.76
C GLU A 81 -6.58 4.93 1.91
N LEU A 82 -6.54 4.39 3.12
CA LEU A 82 -5.85 3.14 3.42
C LEU A 82 -6.83 1.97 3.47
N LYS A 83 -6.36 0.74 3.18
CA LYS A 83 -7.20 -0.46 3.14
C LYS A 83 -7.76 -0.86 4.55
N SER A 84 -8.78 -0.10 4.99
CA SER A 84 -9.54 -0.19 6.25
C SER A 84 -10.72 0.83 6.26
N GLY A 85 -10.73 1.73 5.28
CA GLY A 85 -11.75 2.78 5.15
C GLY A 85 -11.36 4.13 5.73
N ILE A 86 -10.21 4.19 6.43
CA ILE A 86 -9.70 5.42 7.04
C ILE A 86 -9.22 6.37 5.95
N THR A 87 -9.55 7.66 6.10
CA THR A 87 -9.12 8.72 5.20
C THR A 87 -8.02 9.53 5.87
N LEU A 88 -6.92 9.71 5.16
CA LEU A 88 -5.79 10.47 5.64
C LEU A 88 -5.62 11.67 4.74
N TYR A 89 -5.13 12.75 5.33
CA TYR A 89 -4.90 14.01 4.63
C TYR A 89 -3.40 14.13 4.54
N ASP A 90 -2.91 14.12 3.30
CA ASP A 90 -1.48 14.11 2.99
C ASP A 90 -1.01 15.51 2.59
N SER A 91 0.04 16.03 3.26
CA SER A 91 0.53 17.39 2.97
C SER A 91 1.55 17.37 1.83
N ASN A 92 1.84 16.20 1.25
CA ASN A 92 2.74 16.20 0.11
C ASN A 92 1.80 16.05 -1.10
N VAL A 93 1.72 17.10 -1.94
CA VAL A 93 0.82 17.09 -3.10
C VAL A 93 1.52 16.63 -4.40
N ILE A 94 2.84 16.50 -4.38
CA ILE A 94 3.60 16.05 -5.55
C ILE A 94 3.34 14.52 -5.65
N HIS A 95 3.09 13.99 -6.85
CA HIS A 95 2.80 12.57 -7.05
C HIS A 95 3.84 11.67 -6.38
N HIS A 96 3.38 10.78 -5.49
CA HIS A 96 4.27 9.85 -4.81
C HIS A 96 3.52 8.59 -4.35
N HIS A 97 4.26 7.56 -3.91
CA HIS A 97 3.68 6.33 -3.41
C HIS A 97 3.97 6.20 -1.93
N HIS A 98 3.58 5.09 -1.31
CA HIS A 98 3.74 4.90 0.14
C HIS A 98 4.19 3.53 0.56
N ALA A 99 5.06 3.52 1.58
CA ALA A 99 5.48 2.30 2.24
C ALA A 99 4.88 2.41 3.64
N ILE A 100 4.31 1.34 4.13
CA ILE A 100 3.69 1.34 5.45
C ILE A 100 4.42 0.30 6.32
N ASP A 101 4.83 0.68 7.53
CA ASP A 101 5.45 -0.26 8.47
C ASP A 101 4.29 -0.93 9.20
N GLU A 102 3.98 -2.21 8.93
CA GLU A 102 2.86 -2.92 9.60
C GLU A 102 3.00 -3.02 11.15
N LYS A 103 4.26 -2.98 11.65
CA LYS A 103 4.55 -3.06 13.09
C LYS A 103 4.03 -1.83 13.87
N THR A 104 4.07 -0.65 13.25
CA THR A 104 3.69 0.61 13.90
C THR A 104 2.54 1.34 13.22
N GLY A 105 2.26 1.01 11.96
CA GLY A 105 1.26 1.70 11.15
C GLY A 105 1.78 2.98 10.54
N GLU A 106 3.08 3.28 10.75
CA GLU A 106 3.76 4.46 10.22
C GLU A 106 3.84 4.40 8.69
N ILE A 107 3.60 5.55 8.05
CA ILE A 107 3.58 5.72 6.60
C ILE A 107 4.76 6.55 6.15
N TYR A 108 5.44 6.07 5.09
CA TYR A 108 6.58 6.73 4.50
C TYR A 108 6.27 7.05 3.02
N ASP A 109 6.57 8.28 2.60
CA ASP A 109 6.44 8.68 1.19
C ASP A 109 7.63 8.05 0.46
N ILE A 110 7.38 7.45 -0.71
CA ILE A 110 8.42 6.82 -1.52
C ILE A 110 8.08 7.07 -2.98
N SER A 111 9.07 7.15 -3.83
CA SER A 111 8.83 7.43 -5.25
C SER A 111 9.38 6.33 -6.11
N LEU A 112 8.91 6.27 -7.37
CA LEU A 112 9.37 5.28 -8.31
C LEU A 112 9.99 6.02 -9.50
N ASP A 113 11.09 5.51 -10.06
CA ASP A 113 11.75 6.12 -11.23
C ASP A 113 10.69 6.23 -12.33
N SER A 114 10.64 7.36 -13.06
CA SER A 114 9.62 7.62 -14.09
C SER A 114 9.53 6.57 -15.19
N LYS A 115 10.67 6.08 -15.70
CA LYS A 115 10.68 5.07 -16.77
C LYS A 115 10.06 3.77 -16.29
N LEU A 116 10.42 3.36 -15.08
CA LEU A 116 9.90 2.16 -14.49
C LEU A 116 8.41 2.32 -14.21
N GLN A 117 8.00 3.48 -13.72
CA GLN A 117 6.61 3.75 -13.44
C GLN A 117 5.77 3.70 -14.72
N GLU A 118 6.27 4.29 -15.82
CA GLU A 118 5.54 4.22 -17.08
C GLU A 118 5.45 2.76 -17.59
N LYS A 119 6.50 1.90 -17.39
CA LYS A 119 6.47 0.50 -17.81
C LYS A 119 5.38 -0.26 -17.03
N VAL A 120 5.26 0.01 -15.73
CA VAL A 120 4.24 -0.61 -14.87
C VAL A 120 2.87 -0.18 -15.39
N LEU A 121 2.67 1.14 -15.54
CA LEU A 121 1.41 1.71 -16.00
C LEU A 121 1.03 1.08 -17.38
N SER A 122 1.98 1.02 -18.33
CA SER A 122 1.71 0.41 -19.62
C SER A 122 1.32 -1.07 -19.50
N GLU A 123 2.09 -1.92 -18.76
CA GLU A 123 1.79 -3.37 -18.63
C GLU A 123 0.44 -3.58 -17.97
N LEU A 124 0.13 -2.78 -16.96
CA LEU A 124 -1.16 -2.93 -16.32
C LEU A 124 -2.30 -2.55 -17.24
N LYS A 125 -2.14 -1.48 -18.03
CA LYS A 125 -3.22 -1.11 -19.00
C LYS A 125 -3.43 -2.24 -20.02
N GLN A 126 -2.33 -2.92 -20.44
CA GLN A 126 -2.45 -4.03 -21.39
C GLN A 126 -3.17 -5.20 -20.77
N ASP A 127 -2.88 -5.50 -19.50
CA ASP A 127 -3.58 -6.58 -18.79
C ASP A 127 -5.06 -6.24 -18.58
N PHE A 128 -5.37 -4.96 -18.28
CA PHE A 128 -6.76 -4.53 -18.13
C PHE A 128 -7.50 -4.81 -19.45
N LYS A 129 -6.89 -4.40 -20.57
CA LYS A 129 -7.45 -4.54 -21.92
C LYS A 129 -7.67 -6.02 -22.24
N LEU A 130 -6.69 -6.87 -21.93
CA LEU A 130 -6.80 -8.31 -22.19
C LEU A 130 -7.94 -8.95 -21.38
N LYS A 131 -8.06 -8.60 -20.10
CA LYS A 131 -9.09 -9.12 -19.20
C LYS A 131 -10.52 -8.59 -19.46
N THR A 132 -10.68 -7.32 -19.83
CA THR A 132 -12.03 -6.76 -19.98
C THR A 132 -12.45 -6.51 -21.41
N GLY A 133 -11.49 -6.46 -22.32
CA GLY A 133 -11.74 -6.08 -23.70
C GLY A 133 -11.85 -4.57 -23.90
N SER A 134 -11.73 -3.76 -22.80
CA SER A 134 -11.81 -2.30 -22.88
C SER A 134 -10.48 -1.66 -22.50
N SER A 135 -10.26 -0.40 -22.91
CA SER A 135 -9.04 0.29 -22.56
C SER A 135 -9.34 1.17 -21.35
N LEU A 136 -8.32 1.47 -20.54
CA LEU A 136 -8.46 2.35 -19.39
C LEU A 136 -7.77 3.65 -19.77
N GLU A 137 -8.51 4.74 -19.74
CA GLU A 137 -7.97 6.00 -20.22
C GLU A 137 -7.67 6.99 -19.10
N ASN A 138 -6.70 7.89 -19.34
CA ASN A 138 -6.26 8.97 -18.42
C ASN A 138 -5.97 8.40 -17.02
N CYS A 139 -5.07 7.41 -17.01
CA CYS A 139 -4.67 6.64 -15.84
C CYS A 139 -3.71 7.32 -14.90
N ASN A 140 -3.93 7.09 -13.60
CA ASN A 140 -3.00 7.42 -12.52
C ASN A 140 -2.73 6.08 -11.77
N LEU A 141 -1.49 5.91 -11.32
CA LEU A 141 -1.02 4.74 -10.60
C LEU A 141 -0.76 5.08 -9.14
N SER A 142 -1.28 4.24 -8.21
CA SER A 142 -1.00 4.40 -6.77
C SER A 142 -0.48 3.09 -6.25
N ILE A 143 0.69 3.14 -5.60
CA ILE A 143 1.34 1.95 -5.08
C ILE A 143 1.50 2.07 -3.59
N THR A 144 1.27 0.96 -2.91
CA THR A 144 1.48 0.82 -1.47
CA THR A 144 1.46 0.81 -1.47
C THR A 144 2.35 -0.40 -1.26
N LEU A 145 3.42 -0.23 -0.51
CA LEU A 145 4.32 -1.33 -0.17
C LEU A 145 4.14 -1.51 1.34
N LYS A 146 3.63 -2.66 1.77
CA LYS A 146 3.41 -2.93 3.18
C LYS A 146 4.40 -4.00 3.64
N GLY A 147 5.13 -3.73 4.72
CA GLY A 147 6.12 -4.65 5.25
C GLY A 147 6.46 -4.36 6.69
N LYS A 148 7.39 -5.12 7.24
CA LYS A 148 7.82 -4.93 8.66
C LYS A 148 9.19 -4.28 8.66
N LYS A 149 9.29 -3.06 9.18
CA LYS A 149 10.53 -2.29 9.20
C LYS A 149 11.46 -2.93 10.24
N ASN A 150 12.66 -3.30 9.82
CA ASN A 150 13.65 -3.93 10.68
C ASN A 150 15.03 -3.24 10.54
N PRO A 151 15.60 -2.56 11.57
CA PRO A 151 15.10 -2.33 12.94
C PRO A 151 13.88 -1.40 12.99
N SER B 6 -11.98 -28.27 -7.41
CA SER B 6 -11.34 -29.25 -8.29
C SER B 6 -9.87 -29.38 -7.93
N MET B 7 -9.31 -30.60 -8.09
CA MET B 7 -7.88 -30.83 -7.87
C MET B 7 -7.08 -30.10 -8.96
N LYS B 8 -7.69 -29.94 -10.13
CA LYS B 8 -7.05 -29.25 -11.25
C LYS B 8 -6.93 -27.74 -10.94
N ASP B 9 -8.00 -27.16 -10.37
CA ASP B 9 -8.06 -25.75 -10.03
C ASP B 9 -7.11 -25.39 -8.90
N SER B 10 -7.06 -26.22 -7.84
CA SER B 10 -6.16 -25.97 -6.71
C SER B 10 -4.70 -26.01 -7.13
N TYR B 11 -4.35 -26.90 -8.09
CA TYR B 11 -3.00 -26.97 -8.64
C TYR B 11 -2.71 -25.68 -9.43
N GLU B 12 -3.67 -25.24 -10.29
CA GLU B 12 -3.50 -24.05 -11.12
C GLU B 12 -3.40 -22.77 -10.28
N ARG B 13 -4.27 -22.62 -9.28
CA ARG B 13 -4.32 -21.49 -8.35
CA ARG B 13 -4.31 -21.48 -8.35
C ARG B 13 -2.97 -21.36 -7.62
N SER B 14 -2.43 -22.49 -7.09
CA SER B 14 -1.16 -22.52 -6.35
C SER B 14 0.00 -22.21 -7.28
N LYS B 15 -0.01 -22.78 -8.50
CA LYS B 15 1.04 -22.59 -9.52
C LYS B 15 1.17 -21.11 -9.84
N LYS B 16 0.03 -20.40 -10.05
CA LYS B 16 0.00 -18.95 -10.37
C LYS B 16 0.52 -18.11 -9.19
N ILE B 17 0.08 -18.42 -7.96
CA ILE B 17 0.55 -17.74 -6.76
C ILE B 17 2.08 -17.79 -6.66
N LEU B 18 2.68 -18.96 -6.82
CA LEU B 18 4.12 -19.12 -6.74
C LEU B 18 4.80 -18.37 -7.88
N GLU B 19 4.33 -18.60 -9.12
CA GLU B 19 4.91 -17.98 -10.32
C GLU B 19 4.85 -16.45 -10.28
N ASP B 20 3.73 -15.87 -9.85
CA ASP B 20 3.56 -14.42 -9.69
C ASP B 20 4.57 -13.86 -8.71
N ALA B 21 4.89 -14.66 -7.67
CA ALA B 21 5.85 -14.29 -6.63
C ALA B 21 7.29 -14.67 -7.02
N GLY B 22 7.46 -15.30 -8.18
CA GLY B 22 8.78 -15.70 -8.68
C GLY B 22 9.44 -16.81 -7.91
N ILE B 23 8.63 -17.71 -7.33
CA ILE B 23 9.14 -18.87 -6.58
C ILE B 23 9.14 -20.06 -7.57
N ASN B 24 10.23 -20.83 -7.58
CA ASN B 24 10.37 -22.03 -8.40
C ASN B 24 9.39 -23.08 -7.95
N VAL B 25 8.61 -23.61 -8.89
CA VAL B 25 7.61 -24.61 -8.56
C VAL B 25 8.22 -25.98 -8.26
N THR B 26 7.77 -26.61 -7.16
CA THR B 26 8.13 -27.97 -6.75
C THR B 26 6.82 -28.57 -6.22
N VAL B 27 6.71 -29.89 -6.17
CA VAL B 27 5.51 -30.55 -5.63
C VAL B 27 5.30 -30.15 -4.17
N GLN B 28 6.37 -30.13 -3.35
CA GLN B 28 6.25 -29.74 -1.94
C GLN B 28 5.72 -28.30 -1.83
N ARG B 29 6.24 -27.39 -2.66
CA ARG B 29 5.76 -26.01 -2.58
C ARG B 29 4.33 -25.90 -3.04
N LEU B 30 3.88 -26.74 -4.01
CA LEU B 30 2.48 -26.67 -4.46
C LEU B 30 1.57 -27.18 -3.39
N GLN B 31 1.98 -28.22 -2.68
CA GLN B 31 1.18 -28.79 -1.60
C GLN B 31 1.08 -27.81 -0.43
N MET B 32 2.20 -27.12 -0.09
CA MET B 32 2.23 -26.12 0.99
C MET B 32 1.43 -24.92 0.66
N ALA B 33 1.51 -24.43 -0.59
CA ALA B 33 0.72 -23.30 -1.02
C ALA B 33 -0.74 -23.67 -0.91
N ASN B 34 -1.14 -24.87 -1.35
CA ASN B 34 -2.53 -25.30 -1.24
C ASN B 34 -2.97 -25.43 0.22
N LEU B 35 -2.19 -26.11 1.08
CA LEU B 35 -2.57 -26.30 2.47
C LEU B 35 -2.66 -25.00 3.26
N LEU B 36 -1.71 -24.07 3.06
CA LEU B 36 -1.71 -22.79 3.76
C LEU B 36 -2.65 -21.77 3.18
N LEU B 37 -2.73 -21.65 1.85
CA LEU B 37 -3.51 -20.61 1.20
C LEU B 37 -4.88 -20.99 0.70
N SER B 38 -5.29 -22.24 0.79
CA SER B 38 -6.65 -22.56 0.31
C SER B 38 -7.72 -21.92 1.21
N LYS B 39 -7.48 -21.78 2.55
CA LYS B 39 -8.46 -21.16 3.44
C LYS B 39 -7.86 -20.02 4.28
N PRO B 40 -8.67 -19.01 4.69
CA PRO B 40 -8.14 -17.94 5.55
C PRO B 40 -7.84 -18.51 6.93
N GLN B 41 -6.59 -18.38 7.38
CA GLN B 41 -6.15 -18.89 8.68
C GLN B 41 -4.91 -18.15 9.13
N HIS B 42 -4.63 -18.19 10.41
CA HIS B 42 -3.39 -17.66 10.94
C HIS B 42 -2.80 -18.72 11.84
N LEU B 43 -1.58 -19.16 11.54
CA LEU B 43 -0.96 -20.27 12.26
C LEU B 43 0.42 -19.91 12.75
N THR B 44 0.83 -20.48 13.88
CA THR B 44 2.21 -20.27 14.35
C THR B 44 3.07 -21.20 13.51
N ALA B 45 4.41 -21.04 13.59
CA ALA B 45 5.39 -21.88 12.90
C ALA B 45 5.17 -23.36 13.24
N ASP B 46 4.95 -23.68 14.53
CA ASP B 46 4.70 -25.06 14.93
C ASP B 46 3.40 -25.63 14.38
N GLN B 47 2.32 -24.79 14.29
CA GLN B 47 1.06 -25.23 13.69
C GLN B 47 1.21 -25.44 12.19
N VAL B 48 2.09 -24.68 11.53
CA VAL B 48 2.35 -24.87 10.08
C VAL B 48 3.02 -26.23 9.93
N PHE B 49 4.06 -26.52 10.75
CA PHE B 49 4.75 -27.80 10.69
C PHE B 49 3.78 -28.95 10.95
N GLN B 50 2.92 -28.81 11.97
CA GLN B 50 1.93 -29.84 12.30
C GLN B 50 1.01 -30.12 11.09
N LEU B 51 0.48 -29.06 10.45
CA LEU B 51 -0.40 -29.13 9.28
C LEU B 51 0.30 -29.78 8.10
N ILE B 52 1.52 -29.30 7.73
CA ILE B 52 2.25 -29.86 6.59
C ILE B 52 2.66 -31.29 6.87
N ASN B 53 3.20 -31.58 8.06
CA ASN B 53 3.64 -32.93 8.47
C ASN B 53 2.52 -33.97 8.41
N GLU B 54 1.31 -33.60 8.82
CA GLU B 54 0.14 -34.47 8.74
C GLU B 54 -0.11 -34.92 7.28
N HIS B 55 0.01 -34.01 6.25
CA HIS B 55 -0.22 -34.33 4.82
C HIS B 55 1.02 -34.80 4.08
N MET B 56 2.19 -34.41 4.53
CA MET B 56 3.44 -34.77 3.88
C MET B 56 4.40 -35.28 4.96
N PRO B 57 4.19 -36.50 5.52
CA PRO B 57 5.08 -36.98 6.60
C PRO B 57 6.54 -37.23 6.22
N ASN B 58 6.88 -37.30 4.92
CA ASN B 58 8.26 -37.48 4.49
C ASN B 58 9.01 -36.16 4.28
N ALA B 59 8.32 -35.01 4.40
CA ALA B 59 8.97 -33.70 4.28
C ALA B 59 9.66 -33.38 5.63
N SER B 60 10.93 -33.02 5.58
CA SER B 60 11.70 -32.69 6.78
C SER B 60 11.26 -31.34 7.36
N ARG B 61 11.49 -31.14 8.67
CA ARG B 61 11.17 -29.90 9.38
C ARG B 61 11.93 -28.76 8.70
N ALA B 62 13.19 -29.02 8.33
CA ALA B 62 14.04 -28.04 7.67
C ALA B 62 13.48 -27.61 6.32
N THR B 63 12.99 -28.54 5.49
CA THR B 63 12.45 -28.20 4.16
C THR B 63 11.15 -27.39 4.31
N ILE B 64 10.29 -27.77 5.28
CA ILE B 64 9.02 -27.06 5.56
C ILE B 64 9.33 -25.65 6.03
N PHE B 65 10.26 -25.49 6.98
CA PHE B 65 10.58 -24.16 7.50
C PHE B 65 11.28 -23.28 6.46
N ASN B 66 12.12 -23.84 5.60
CA ASN B 66 12.74 -23.08 4.51
C ASN B 66 11.69 -22.61 3.51
N ASN B 67 10.69 -23.45 3.19
CA ASN B 67 9.62 -23.00 2.31
C ASN B 67 8.77 -21.93 2.98
N LEU B 68 8.43 -22.11 4.28
CA LEU B 68 7.67 -21.12 5.03
C LEU B 68 8.41 -19.78 5.06
N LYS B 69 9.72 -19.79 5.32
CA LYS B 69 10.52 -18.55 5.31
C LYS B 69 10.51 -17.90 3.90
N LEU B 70 10.61 -18.72 2.84
CA LEU B 70 10.60 -18.22 1.46
C LEU B 70 9.27 -17.61 1.14
N PHE B 71 8.18 -18.27 1.56
CA PHE B 71 6.82 -17.75 1.33
C PHE B 71 6.63 -16.37 2.00
N ALA B 72 7.13 -16.21 3.23
CA ALA B 72 7.04 -14.94 3.95
C ALA B 72 7.95 -13.90 3.25
N GLU B 73 9.15 -14.31 2.83
CA GLU B 73 10.08 -13.41 2.15
C GLU B 73 9.44 -12.82 0.88
N LYS B 74 8.67 -13.64 0.14
CA LYS B 74 8.04 -13.23 -1.12
C LYS B 74 6.64 -12.69 -0.96
N GLY B 75 6.18 -12.53 0.30
CA GLY B 75 4.86 -11.95 0.57
C GLY B 75 3.65 -12.78 0.23
N ILE B 76 3.79 -14.10 0.02
CA ILE B 76 2.59 -14.90 -0.30
C ILE B 76 1.83 -15.30 0.98
N VAL B 77 2.51 -15.27 2.14
CA VAL B 77 1.88 -15.37 3.48
C VAL B 77 2.35 -14.09 4.19
N ASN B 78 1.45 -13.50 4.94
CA ASN B 78 1.71 -12.27 5.67
C ASN B 78 1.99 -12.62 7.14
N LEU B 79 3.07 -12.07 7.74
CA LEU B 79 3.33 -12.33 9.15
C LEU B 79 2.54 -11.38 10.01
N LEU B 80 1.96 -11.90 11.09
CA LEU B 80 1.29 -11.08 12.08
C LEU B 80 2.23 -11.13 13.26
N GLU B 81 2.94 -10.03 13.54
CA GLU B 81 3.90 -10.03 14.64
C GLU B 81 3.22 -9.41 15.84
N LEU B 82 2.70 -10.26 16.71
CA LEU B 82 1.95 -9.82 17.86
C LEU B 82 2.88 -9.18 18.88
N LYS B 83 2.37 -8.19 19.60
CA LYS B 83 3.10 -7.47 20.63
C LYS B 83 3.57 -8.41 21.71
N SER B 84 2.87 -9.54 21.91
CA SER B 84 3.23 -10.56 22.90
C SER B 84 4.46 -11.40 22.46
N GLY B 85 4.93 -11.19 21.23
CA GLY B 85 6.06 -11.92 20.67
C GLY B 85 5.69 -13.11 19.81
N ILE B 86 4.40 -13.49 19.79
CA ILE B 86 3.94 -14.60 18.94
C ILE B 86 3.90 -14.14 17.47
N THR B 87 4.37 -14.97 16.55
CA THR B 87 4.32 -14.64 15.12
C THR B 87 3.35 -15.60 14.49
N LEU B 88 2.38 -15.10 13.76
CA LEU B 88 1.43 -15.91 13.05
C LEU B 88 1.65 -15.73 11.56
N TYR B 89 1.37 -16.79 10.78
CA TYR B 89 1.50 -16.81 9.35
C TYR B 89 0.09 -16.78 8.82
N ASP B 90 -0.28 -15.64 8.22
CA ASP B 90 -1.63 -15.30 7.77
C ASP B 90 -1.76 -15.52 6.28
N SER B 91 -2.76 -16.29 5.91
CA SER B 91 -2.99 -16.61 4.51
C SER B 91 -3.95 -15.60 3.83
N ASN B 92 -4.52 -14.65 4.59
CA ASN B 92 -5.43 -13.60 4.12
C ASN B 92 -4.65 -12.53 3.33
N VAL B 93 -4.11 -12.93 2.17
CA VAL B 93 -3.29 -12.10 1.26
C VAL B 93 -3.99 -12.00 -0.09
N ILE B 94 -3.95 -10.81 -0.73
CA ILE B 94 -4.52 -10.53 -2.05
C ILE B 94 -3.33 -10.66 -2.98
N HIS B 95 -3.36 -11.66 -3.86
CA HIS B 95 -2.21 -11.94 -4.71
C HIS B 95 -2.25 -11.30 -6.11
N HIS B 96 -3.11 -10.26 -6.34
CA HIS B 96 -3.31 -9.54 -7.63
C HIS B 96 -3.47 -8.02 -7.37
N HIS B 97 -3.54 -7.22 -8.44
CA HIS B 97 -3.70 -5.76 -8.34
C HIS B 97 -5.08 -5.38 -8.84
N HIS B 98 -5.37 -4.07 -8.86
CA HIS B 98 -6.70 -3.59 -9.24
C HIS B 98 -6.72 -2.38 -10.12
N ALA B 99 -7.65 -2.37 -11.08
CA ALA B 99 -7.95 -1.22 -11.89
C ALA B 99 -9.33 -0.77 -11.44
N ILE B 100 -9.49 0.53 -11.26
CA ILE B 100 -10.75 1.08 -10.81
C ILE B 100 -11.29 2.01 -11.91
N ASP B 101 -12.54 1.81 -12.31
CA ASP B 101 -13.18 2.69 -13.29
C ASP B 101 -13.65 3.91 -12.50
N GLU B 102 -12.88 5.01 -12.54
CA GLU B 102 -13.10 6.24 -11.76
C GLU B 102 -14.50 6.83 -11.93
N LYS B 103 -15.15 6.56 -13.07
CA LYS B 103 -16.51 7.00 -13.33
C LYS B 103 -17.51 6.22 -12.44
N THR B 104 -17.58 4.89 -12.59
CA THR B 104 -18.55 4.05 -11.89
C THR B 104 -18.13 3.57 -10.49
N GLY B 105 -16.83 3.58 -10.22
CA GLY B 105 -16.28 3.08 -8.96
C GLY B 105 -16.05 1.58 -8.98
N GLU B 106 -16.36 0.93 -10.11
CA GLU B 106 -16.19 -0.51 -10.32
C GLU B 106 -14.72 -0.90 -10.30
N ILE B 107 -14.42 -2.05 -9.68
CA ILE B 107 -13.08 -2.58 -9.50
C ILE B 107 -12.84 -3.85 -10.32
N TYR B 108 -11.69 -3.90 -11.02
CA TYR B 108 -11.27 -5.04 -11.86
C TYR B 108 -9.95 -5.62 -11.38
N ASP B 109 -9.85 -6.94 -11.31
CA ASP B 109 -8.62 -7.64 -10.93
C ASP B 109 -7.67 -7.62 -12.12
N ILE B 110 -6.40 -7.29 -11.88
CA ILE B 110 -5.35 -7.22 -12.91
C ILE B 110 -4.05 -7.74 -12.31
N SER B 111 -3.16 -8.29 -13.14
CA SER B 111 -1.90 -8.80 -12.67
C SER B 111 -0.72 -8.14 -13.36
N LEU B 112 0.45 -8.18 -12.73
CA LEU B 112 1.69 -7.65 -13.24
C LEU B 112 2.64 -8.80 -13.46
N ASP B 113 3.43 -8.74 -14.56
CA ASP B 113 4.43 -9.75 -14.89
C ASP B 113 5.37 -9.86 -13.68
N SER B 114 5.74 -11.09 -13.27
CA SER B 114 6.60 -11.30 -12.09
C SER B 114 7.95 -10.60 -12.13
N LYS B 115 8.61 -10.59 -13.29
CA LYS B 115 9.93 -9.94 -13.43
C LYS B 115 9.83 -8.44 -13.19
N LEU B 116 8.79 -7.84 -13.71
CA LEU B 116 8.55 -6.43 -13.54
C LEU B 116 8.15 -6.13 -12.07
N GLN B 117 7.32 -6.99 -11.45
CA GLN B 117 6.94 -6.83 -10.03
C GLN B 117 8.18 -6.89 -9.14
N GLU B 118 9.08 -7.82 -9.40
CA GLU B 118 10.33 -8.01 -8.68
C GLU B 118 11.19 -6.76 -8.81
N LYS B 119 11.26 -6.12 -10.01
CA LYS B 119 12.06 -4.91 -10.21
C LYS B 119 11.47 -3.74 -9.39
N VAL B 120 10.13 -3.60 -9.39
CA VAL B 120 9.47 -2.56 -8.59
C VAL B 120 9.75 -2.77 -7.10
N LEU B 121 9.52 -3.99 -6.56
CA LEU B 121 9.79 -4.22 -5.13
C LEU B 121 11.23 -3.95 -4.85
N SER B 122 12.13 -4.41 -5.74
CA SER B 122 13.55 -4.25 -5.51
C SER B 122 13.92 -2.80 -5.36
N GLU B 123 13.43 -1.93 -6.27
CA GLU B 123 13.80 -0.52 -6.24
C GLU B 123 13.20 0.19 -5.05
N LEU B 124 11.94 -0.09 -4.76
CA LEU B 124 11.31 0.51 -3.61
C LEU B 124 11.96 0.11 -2.31
N LYS B 125 12.28 -1.17 -2.16
CA LYS B 125 12.91 -1.64 -0.91
C LYS B 125 14.27 -0.97 -0.72
N GLN B 126 15.02 -0.79 -1.83
CA GLN B 126 16.34 -0.14 -1.77
C GLN B 126 16.21 1.30 -1.34
N ASP B 127 15.21 2.00 -1.88
CA ASP B 127 14.97 3.39 -1.49
C ASP B 127 14.53 3.52 -0.05
N PHE B 128 13.69 2.58 0.42
CA PHE B 128 13.23 2.57 1.80
C PHE B 128 14.47 2.45 2.73
N LYS B 129 15.35 1.50 2.41
CA LYS B 129 16.57 1.21 3.16
C LYS B 129 17.49 2.45 3.18
N LEU B 130 17.68 3.09 2.01
CA LEU B 130 18.51 4.30 1.94
C LEU B 130 17.96 5.43 2.80
N LYS B 131 16.65 5.67 2.74
CA LYS B 131 16.00 6.74 3.48
C LYS B 131 15.86 6.51 4.99
N THR B 132 15.61 5.28 5.44
CA THR B 132 15.36 5.03 6.86
C THR B 132 16.48 4.33 7.59
N GLY B 133 17.37 3.69 6.83
CA GLY B 133 18.45 2.91 7.39
C GLY B 133 17.98 1.51 7.78
N SER B 134 16.67 1.20 7.61
CA SER B 134 16.12 -0.13 7.94
C SER B 134 15.63 -0.84 6.71
N SER B 135 15.53 -2.18 6.78
CA SER B 135 15.01 -2.92 5.65
C SER B 135 13.52 -3.17 5.90
N LEU B 136 12.75 -3.34 4.85
CA LEU B 136 11.33 -3.64 4.97
C LEU B 136 11.21 -5.13 4.58
N GLU B 137 10.70 -5.94 5.50
CA GLU B 137 10.64 -7.39 5.32
C GLU B 137 9.22 -7.86 5.15
N ASN B 138 9.05 -9.06 4.57
CA ASN B 138 7.75 -9.68 4.32
C ASN B 138 6.86 -8.69 3.54
N CYS B 139 7.39 -8.13 2.42
CA CYS B 139 6.68 -7.10 1.68
C CYS B 139 5.61 -7.62 0.81
N ASN B 140 4.58 -6.79 0.68
CA ASN B 140 3.48 -7.01 -0.21
C ASN B 140 3.21 -5.72 -0.96
N LEU B 141 3.23 -5.79 -2.28
CA LEU B 141 3.02 -4.66 -3.11
C LEU B 141 1.58 -4.66 -3.54
N SER B 142 0.91 -3.51 -3.44
CA SER B 142 -0.47 -3.36 -3.90
C SER B 142 -0.51 -2.18 -4.84
N ILE B 143 -0.97 -2.43 -6.05
CA ILE B 143 -1.05 -1.39 -7.07
C ILE B 143 -2.49 -1.20 -7.47
N THR B 144 -2.85 0.06 -7.60
CA THR B 144 -4.18 0.48 -8.05
CA THR B 144 -4.18 0.49 -8.02
C THR B 144 -3.99 1.38 -9.26
N LEU B 145 -4.68 1.04 -10.34
CA LEU B 145 -4.63 1.82 -11.59
C LEU B 145 -6.01 2.44 -11.68
N LYS B 146 -6.09 3.77 -11.68
CA LYS B 146 -7.38 4.47 -11.70
C LYS B 146 -7.53 5.27 -13.01
N GLY B 147 -8.61 4.99 -13.74
CA GLY B 147 -8.86 5.63 -15.03
C GLY B 147 -10.30 5.53 -15.48
N LYS B 148 -10.58 5.99 -16.70
CA LYS B 148 -11.93 5.95 -17.28
C LYS B 148 -12.05 4.77 -18.25
N LYS B 149 -12.93 3.83 -17.94
CA LYS B 149 -13.12 2.64 -18.77
C LYS B 149 -13.84 3.05 -20.07
N ASN B 150 -13.22 2.72 -21.21
CA ASN B 150 -13.76 3.03 -22.53
C ASN B 150 -13.72 1.79 -23.46
N PRO B 151 -14.85 1.18 -23.89
CA PRO B 151 -16.27 1.54 -23.68
C PRO B 151 -16.75 1.39 -22.22
#